data_7YM9
#
_entry.id   7YM9
#
_cell.length_a   82.309
_cell.length_b   82.449
_cell.length_c   87.391
_cell.angle_alpha   90.000
_cell.angle_beta   90.000
_cell.angle_gamma   90.000
#
_symmetry.space_group_name_H-M   'P 21 21 2'
#
loop_
_entity.id
_entity.type
_entity.pdbx_description
1 polymer 'Poly(ethylene terephthalate) hydrolase'
2 non-polymer 'MALONATE ION'
3 water water
#
_entity_poly.entity_id   1
_entity_poly.type   'polypeptide(L)'
_entity_poly.pdbx_seq_one_letter_code
;MAADNPYQRGPDPTNASIEAATGPFAVGTQPIVGASGFGGGQIYYPTDTSQTYGAVVIVPGFISVWAQLNWLGPRLASQG
FVVIGIETSVITDLPDPRGDQALAALDWATTRSPVASRIDRTRLAAAGWSMGGGGLRRAALQRPSLKAIVGMAPWNGERN
WSAVTVPTLFFGGSSDAVASPNDHAKPFYNSITRAEKDYIELRNADHFFPTSANTTMAKYFISWLKRWVDNDTRYTQFLC
PGPSTGLFAPVSASMNTCPFLEHHHHHH
;
_entity_poly.pdbx_strand_id   A,B
#
loop_
_chem_comp.id
_chem_comp.type
_chem_comp.name
_chem_comp.formula
MLI non-polymer 'MALONATE ION' 'C3 H2 O4 -2'
#
# COMPACT_ATOMS: atom_id res chain seq x y z
N ASP A 4 -38.09 -0.42 -26.83
CA ASP A 4 -37.64 -0.14 -25.45
C ASP A 4 -36.35 -0.91 -25.19
N ASN A 5 -35.60 -0.47 -24.17
CA ASN A 5 -34.34 -1.15 -23.78
C ASN A 5 -34.66 -2.29 -22.84
N PRO A 6 -34.54 -3.56 -23.26
CA PRO A 6 -34.92 -4.66 -22.40
C PRO A 6 -34.04 -4.84 -21.14
N TYR A 7 -32.88 -4.16 -21.10
CA TYR A 7 -31.90 -4.33 -20.00
C TYR A 7 -32.07 -3.26 -18.96
N GLN A 8 -32.90 -2.26 -19.15
CA GLN A 8 -33.12 -1.20 -18.16
C GLN A 8 -33.69 -1.83 -16.89
N ARG A 9 -33.22 -1.42 -15.72
CA ARG A 9 -33.72 -1.91 -14.44
C ARG A 9 -33.95 -0.74 -13.52
N GLY A 10 -35.07 -0.78 -12.80
CA GLY A 10 -35.39 0.23 -11.78
C GLY A 10 -36.02 1.46 -12.40
N PRO A 11 -36.61 2.30 -11.53
CA PRO A 11 -37.32 3.47 -12.02
C PRO A 11 -36.34 4.50 -12.58
N ASP A 12 -36.84 5.50 -13.28
CA ASP A 12 -36.01 6.58 -13.83
C ASP A 12 -35.21 7.17 -12.69
N PRO A 13 -33.88 7.33 -12.91
CA PRO A 13 -32.99 7.76 -11.84
C PRO A 13 -32.97 9.25 -11.58
N THR A 14 -32.52 9.58 -10.38
CA THR A 14 -32.28 10.95 -9.94
C THR A 14 -30.94 11.02 -9.23
N ASN A 15 -30.47 12.22 -8.95
N ASN A 15 -30.52 12.22 -8.91
CA ASN A 15 -29.25 12.38 -8.13
CA ASN A 15 -29.27 12.39 -8.14
C ASN A 15 -29.44 11.58 -6.83
C ASN A 15 -29.40 11.65 -6.80
N ALA A 16 -30.60 11.68 -6.20
CA ALA A 16 -30.83 10.99 -4.92
C ALA A 16 -30.75 9.47 -5.12
N SER A 17 -31.27 8.96 -6.20
CA SER A 17 -31.34 7.48 -6.41
C SER A 17 -29.93 6.91 -6.64
N ILE A 18 -29.01 7.65 -7.28
CA ILE A 18 -27.63 7.16 -7.48
C ILE A 18 -26.76 7.44 -6.27
N GLU A 19 -27.17 8.34 -5.38
CA GLU A 19 -26.39 8.61 -4.14
C GLU A 19 -26.84 7.72 -2.97
N ALA A 20 -27.98 7.05 -3.10
CA ALA A 20 -28.55 6.27 -1.98
C ALA A 20 -27.61 5.12 -1.61
N ALA A 21 -27.53 4.73 -0.37
CA ALA A 21 -26.70 3.60 0.05
C ALA A 21 -27.28 2.31 -0.51
N THR A 22 -28.60 2.25 -0.64
CA THR A 22 -29.26 1.04 -1.17
CA THR A 22 -29.32 1.03 -1.09
C THR A 22 -30.22 1.45 -2.28
N GLY A 23 -30.10 0.83 -3.45
CA GLY A 23 -31.00 1.02 -4.57
C GLY A 23 -32.30 0.24 -4.33
N PRO A 24 -33.10 0.13 -5.39
CA PRO A 24 -34.44 -0.43 -5.19
C PRO A 24 -34.51 -1.94 -5.15
N PHE A 25 -33.43 -2.68 -5.42
CA PHE A 25 -33.44 -4.15 -5.41
C PHE A 25 -33.02 -4.69 -4.08
N ALA A 26 -33.83 -5.58 -3.51
CA ALA A 26 -33.41 -6.40 -2.37
C ALA A 26 -32.23 -7.28 -2.79
N VAL A 27 -31.31 -7.57 -1.89
CA VAL A 27 -30.01 -8.21 -2.19
C VAL A 27 -29.89 -9.50 -1.41
N GLY A 28 -29.43 -10.55 -2.04
CA GLY A 28 -28.98 -11.78 -1.38
C GLY A 28 -27.48 -11.93 -1.53
N THR A 29 -26.86 -12.76 -0.74
CA THR A 29 -25.41 -12.95 -0.78
C THR A 29 -25.03 -14.36 -0.34
N GLN A 30 -23.92 -14.86 -0.83
CA GLN A 30 -23.38 -16.14 -0.34
C GLN A 30 -21.92 -16.21 -0.72
N PRO A 31 -21.12 -17.03 -0.02
CA PRO A 31 -19.73 -17.17 -0.35
C PRO A 31 -19.56 -17.87 -1.68
N ILE A 32 -18.42 -17.66 -2.29
CA ILE A 32 -17.97 -18.40 -3.49
C ILE A 32 -17.33 -19.69 -3.01
N VAL A 33 -17.88 -20.80 -3.48
CA VAL A 33 -17.43 -22.16 -3.08
C VAL A 33 -17.07 -22.94 -4.34
N GLY A 34 -15.86 -23.48 -4.38
CA GLY A 34 -15.41 -24.41 -5.43
C GLY A 34 -14.98 -23.70 -6.70
N ALA A 35 -14.57 -22.45 -6.56
CA ALA A 35 -13.93 -21.58 -7.57
C ALA A 35 -12.64 -22.20 -8.07
N SER A 36 -12.39 -22.09 -9.36
CA SER A 36 -11.08 -22.36 -9.98
C SER A 36 -10.54 -21.07 -10.58
N GLY A 37 -9.24 -20.86 -10.47
CA GLY A 37 -8.48 -19.83 -11.18
C GLY A 37 -8.49 -18.47 -10.46
N PHE A 38 -8.97 -18.44 -9.24
CA PHE A 38 -8.96 -17.25 -8.35
C PHE A 38 -9.22 -17.72 -6.92
N GLY A 39 -9.18 -16.84 -5.93
CA GLY A 39 -9.06 -17.25 -4.53
C GLY A 39 -10.37 -17.41 -3.78
N GLY A 40 -11.51 -17.30 -4.43
CA GLY A 40 -12.79 -17.32 -3.74
C GLY A 40 -13.36 -15.91 -3.60
N GLY A 41 -14.14 -15.65 -2.58
CA GLY A 41 -14.82 -14.35 -2.40
C GLY A 41 -16.28 -14.49 -2.06
N GLN A 42 -17.07 -13.53 -2.45
CA GLN A 42 -18.49 -13.41 -2.06
C GLN A 42 -19.27 -12.94 -3.27
N ILE A 43 -20.48 -13.41 -3.43
CA ILE A 43 -21.38 -12.95 -4.51
CA ILE A 43 -21.35 -12.93 -4.52
C ILE A 43 -22.56 -12.22 -3.90
N TYR A 44 -23.05 -11.21 -4.58
CA TYR A 44 -24.18 -10.40 -4.16
C TYR A 44 -25.10 -10.26 -5.35
N TYR A 45 -26.40 -10.32 -5.16
CA TYR A 45 -27.30 -10.38 -6.33
C TYR A 45 -28.67 -9.94 -5.90
N PRO A 46 -29.47 -9.41 -6.83
CA PRO A 46 -30.88 -9.17 -6.56
C PRO A 46 -31.61 -10.48 -6.32
N THR A 47 -32.51 -10.40 -5.32
CA THR A 47 -33.40 -11.55 -4.99
C THR A 47 -34.52 -11.62 -6.01
N ASP A 48 -34.81 -10.56 -6.71
CA ASP A 48 -35.89 -10.52 -7.74
C ASP A 48 -35.46 -11.29 -8.97
N THR A 49 -36.02 -12.49 -9.19
CA THR A 49 -35.66 -13.36 -10.32
C THR A 49 -36.67 -13.25 -11.46
N SER A 50 -37.42 -12.18 -11.54
CA SER A 50 -38.32 -11.90 -12.68
C SER A 50 -37.52 -11.45 -13.92
N GLN A 51 -36.21 -11.21 -13.78
CA GLN A 51 -35.34 -10.76 -14.88
C GLN A 51 -33.91 -11.12 -14.53
N THR A 52 -33.07 -11.14 -15.53
CA THR A 52 -31.61 -11.28 -15.34
C THR A 52 -30.96 -9.88 -15.29
N TYR A 53 -29.71 -9.92 -14.87
CA TYR A 53 -28.89 -8.70 -14.66
C TYR A 53 -27.53 -8.90 -15.25
N GLY A 54 -26.87 -7.80 -15.53
CA GLY A 54 -25.43 -7.87 -15.81
C GLY A 54 -24.64 -8.16 -14.55
N ALA A 55 -23.39 -8.50 -14.74
CA ALA A 55 -22.53 -8.85 -13.60
C ALA A 55 -21.24 -8.02 -13.67
N VAL A 56 -20.75 -7.69 -12.48
CA VAL A 56 -19.42 -7.03 -12.35
C VAL A 56 -18.60 -7.85 -11.36
N VAL A 57 -17.39 -8.12 -11.76
CA VAL A 57 -16.37 -8.71 -10.88
C VAL A 57 -15.53 -7.57 -10.30
N ILE A 58 -15.26 -7.64 -9.01
CA ILE A 58 -14.46 -6.57 -8.33
C ILE A 58 -13.24 -7.21 -7.70
N VAL A 59 -12.06 -6.68 -8.04
CA VAL A 59 -10.78 -7.31 -7.64
C VAL A 59 -10.04 -6.42 -6.65
N PRO A 60 -9.60 -7.00 -5.52
CA PRO A 60 -8.94 -6.28 -4.46
C PRO A 60 -7.58 -5.77 -4.84
N GLY A 61 -7.08 -4.97 -3.89
CA GLY A 61 -5.95 -4.23 -4.35
C GLY A 61 -4.69 -4.06 -3.61
N PHE A 62 -4.71 -3.30 -2.51
CA PHE A 62 -3.41 -3.00 -1.88
C PHE A 62 -3.09 -4.03 -0.79
N ILE A 63 -2.40 -5.11 -1.15
CA ILE A 63 -2.02 -6.23 -0.20
C ILE A 63 -3.25 -6.49 0.67
N SER A 64 -4.37 -6.71 -0.01
CA SER A 64 -5.65 -6.71 0.70
C SER A 64 -6.58 -7.83 0.24
N VAL A 65 -7.70 -7.87 0.91
CA VAL A 65 -8.70 -8.92 0.63
C VAL A 65 -10.01 -8.23 0.25
N TRP A 66 -10.96 -9.04 -0.21
CA TRP A 66 -12.25 -8.51 -0.65
C TRP A 66 -12.94 -7.71 0.44
N ALA A 67 -12.80 -8.14 1.72
CA ALA A 67 -13.54 -7.48 2.83
C ALA A 67 -13.31 -5.96 2.86
N GLN A 68 -12.12 -5.54 2.44
CA GLN A 68 -11.84 -4.08 2.45
C GLN A 68 -12.71 -3.27 1.48
N LEU A 69 -13.28 -3.94 0.49
CA LEU A 69 -14.14 -3.33 -0.54
C LEU A 69 -15.60 -3.72 -0.38
N ASN A 70 -15.93 -4.51 0.65
CA ASN A 70 -17.22 -5.25 0.60
C ASN A 70 -18.44 -4.38 0.72
N TRP A 71 -18.36 -3.13 1.12
CA TRP A 71 -19.50 -2.23 1.04
C TRP A 71 -20.02 -2.15 -0.38
N LEU A 72 -19.16 -2.35 -1.37
CA LEU A 72 -19.56 -2.25 -2.78
C LEU A 72 -20.57 -3.36 -3.14
N GLY A 73 -20.52 -4.49 -2.47
CA GLY A 73 -21.40 -5.63 -2.80
C GLY A 73 -22.87 -5.21 -2.75
N PRO A 74 -23.38 -4.80 -1.58
CA PRO A 74 -24.75 -4.37 -1.52
C PRO A 74 -25.02 -3.06 -2.24
N ARG A 75 -24.04 -2.14 -2.20
CA ARG A 75 -24.22 -0.80 -2.84
C ARG A 75 -24.56 -0.96 -4.32
N LEU A 76 -23.83 -1.83 -5.01
CA LEU A 76 -24.04 -2.01 -6.45
C LEU A 76 -25.12 -3.06 -6.72
N ALA A 77 -25.16 -4.15 -5.97
CA ALA A 77 -26.15 -5.22 -6.28
C ALA A 77 -27.56 -4.65 -6.15
N SER A 78 -27.78 -3.78 -5.15
CA SER A 78 -29.11 -3.19 -4.91
C SER A 78 -29.53 -2.23 -6.03
N GLN A 79 -28.63 -1.89 -6.97
CA GLN A 79 -28.98 -1.12 -8.17
C GLN A 79 -29.27 -2.05 -9.33
N GLY A 80 -29.33 -3.36 -9.11
CA GLY A 80 -29.65 -4.28 -10.22
C GLY A 80 -28.45 -4.85 -10.94
N PHE A 81 -27.50 -5.39 -10.19
CA PHE A 81 -26.31 -6.04 -10.74
C PHE A 81 -25.98 -7.26 -9.90
N VAL A 82 -25.39 -8.25 -10.51
CA VAL A 82 -24.70 -9.33 -9.79
C VAL A 82 -23.29 -8.85 -9.54
N VAL A 83 -22.84 -8.90 -8.31
CA VAL A 83 -21.50 -8.45 -7.95
C VAL A 83 -20.68 -9.64 -7.49
N ILE A 84 -19.52 -9.85 -8.08
CA ILE A 84 -18.65 -10.99 -7.73
C ILE A 84 -17.41 -10.36 -7.12
N GLY A 85 -17.33 -10.35 -5.81
CA GLY A 85 -16.18 -9.76 -5.09
C GLY A 85 -15.16 -10.81 -4.81
N ILE A 86 -13.97 -10.72 -5.32
CA ILE A 86 -13.05 -11.88 -5.30
C ILE A 86 -11.84 -11.68 -4.40
N GLU A 87 -11.28 -12.80 -4.01
CA GLU A 87 -9.92 -12.88 -3.46
C GLU A 87 -9.01 -13.25 -4.58
N THR A 88 -7.80 -12.70 -4.61
CA THR A 88 -6.78 -13.16 -5.54
C THR A 88 -6.16 -14.45 -5.04
N SER A 89 -5.56 -15.17 -6.00
CA SER A 89 -4.84 -16.43 -5.69
C SER A 89 -3.72 -16.16 -4.68
N VAL A 90 -2.97 -15.10 -4.86
CA VAL A 90 -1.94 -14.67 -3.87
C VAL A 90 -2.15 -13.18 -3.59
N ILE A 91 -1.99 -12.78 -2.33
CA ILE A 91 -2.31 -11.39 -1.95
C ILE A 91 -1.33 -10.37 -2.57
N THR A 92 -0.17 -10.87 -3.03
CA THR A 92 0.86 -10.08 -3.71
C THR A 92 0.89 -10.32 -5.22
N ASP A 93 -0.18 -10.92 -5.77
CA ASP A 93 -0.25 -11.10 -7.23
C ASP A 93 -0.01 -9.77 -7.98
N LEU A 94 0.71 -9.81 -9.07
CA LEU A 94 0.97 -8.65 -9.96
C LEU A 94 -0.34 -8.31 -10.70
N PRO A 95 -0.40 -7.14 -11.39
CA PRO A 95 -1.64 -6.76 -12.06
C PRO A 95 -2.14 -7.75 -13.10
N ASP A 96 -1.33 -8.20 -14.01
CA ASP A 96 -1.88 -9.06 -15.11
C ASP A 96 -2.51 -10.32 -14.56
N PRO A 97 -1.90 -11.10 -13.64
CA PRO A 97 -2.61 -12.23 -13.03
C PRO A 97 -3.95 -11.81 -12.45
N ARG A 98 -4.04 -10.64 -11.84
CA ARG A 98 -5.35 -10.22 -11.25
C ARG A 98 -6.41 -10.07 -12.36
N GLY A 99 -6.01 -9.59 -13.54
CA GLY A 99 -6.95 -9.50 -14.66
C GLY A 99 -7.34 -10.89 -15.14
N ASP A 100 -6.40 -11.83 -15.18
CA ASP A 100 -6.77 -13.22 -15.56
C ASP A 100 -7.78 -13.75 -14.55
N GLN A 101 -7.60 -13.49 -13.28
CA GLN A 101 -8.47 -13.97 -12.20
C GLN A 101 -9.83 -13.30 -12.29
N ALA A 102 -9.90 -12.05 -12.68
CA ALA A 102 -11.18 -11.37 -12.89
C ALA A 102 -11.98 -12.14 -13.94
N LEU A 103 -11.34 -12.52 -15.02
CA LEU A 103 -12.04 -13.23 -16.11
C LEU A 103 -12.38 -14.64 -15.64
N ALA A 104 -11.53 -15.32 -14.89
CA ALA A 104 -11.82 -16.66 -14.37
C ALA A 104 -13.04 -16.56 -13.47
N ALA A 105 -13.21 -15.49 -12.68
CA ALA A 105 -14.35 -15.38 -11.76
C ALA A 105 -15.60 -15.07 -12.54
N LEU A 106 -15.56 -14.27 -13.59
CA LEU A 106 -16.74 -14.07 -14.46
C LEU A 106 -17.14 -15.41 -15.07
N ASP A 107 -16.18 -16.16 -15.54
CA ASP A 107 -16.48 -17.47 -16.18
C ASP A 107 -17.12 -18.36 -15.12
N TRP A 108 -16.61 -18.47 -13.93
CA TRP A 108 -17.19 -19.28 -12.85
C TRP A 108 -18.61 -18.80 -12.61
N ALA A 109 -18.82 -17.52 -12.43
CA ALA A 109 -20.13 -16.99 -12.07
C ALA A 109 -21.15 -17.37 -13.12
N THR A 110 -20.83 -17.24 -14.40
CA THR A 110 -21.79 -17.43 -15.52
C THR A 110 -21.95 -18.89 -15.88
N THR A 111 -21.09 -19.78 -15.49
CA THR A 111 -21.14 -21.18 -15.99
C THR A 111 -21.38 -22.14 -14.86
N ARG A 112 -20.97 -21.91 -13.62
CA ARG A 112 -20.86 -22.95 -12.58
C ARG A 112 -21.49 -22.53 -11.27
N SER A 113 -21.68 -21.25 -10.99
CA SER A 113 -22.11 -20.70 -9.70
C SER A 113 -23.58 -20.96 -9.46
N PRO A 114 -24.01 -20.85 -8.20
CA PRO A 114 -25.41 -21.05 -7.90
C PRO A 114 -26.32 -19.95 -8.45
N VAL A 115 -25.76 -18.85 -8.97
CA VAL A 115 -26.59 -17.76 -9.51
C VAL A 115 -26.30 -17.52 -10.99
N ALA A 116 -25.75 -18.52 -11.69
CA ALA A 116 -25.54 -18.44 -13.12
C ALA A 116 -26.81 -17.99 -13.86
N SER A 117 -27.96 -18.53 -13.40
CA SER A 117 -29.27 -18.23 -14.04
C SER A 117 -29.75 -16.78 -13.80
N ARG A 118 -29.09 -16.07 -12.90
CA ARG A 118 -29.48 -14.68 -12.62
C ARG A 118 -28.71 -13.68 -13.49
N ILE A 119 -27.65 -14.17 -14.10
CA ILE A 119 -26.72 -13.30 -14.87
C ILE A 119 -27.02 -13.41 -16.35
N ASP A 120 -27.03 -12.30 -17.04
CA ASP A 120 -26.97 -12.27 -18.52
C ASP A 120 -25.49 -12.33 -18.89
N ARG A 121 -24.99 -13.48 -19.33
CA ARG A 121 -23.57 -13.71 -19.54
C ARG A 121 -23.04 -12.85 -20.68
N THR A 122 -23.90 -12.18 -21.45
CA THR A 122 -23.44 -11.31 -22.54
C THR A 122 -23.16 -9.88 -22.05
N ARG A 123 -23.43 -9.58 -20.78
CA ARG A 123 -23.30 -8.19 -20.28
C ARG A 123 -22.52 -8.21 -18.97
N LEU A 124 -21.21 -8.06 -19.11
CA LEU A 124 -20.24 -8.23 -18.00
C LEU A 124 -19.33 -7.01 -17.90
N ALA A 125 -18.86 -6.77 -16.68
CA ALA A 125 -17.90 -5.70 -16.41
C ALA A 125 -16.88 -6.18 -15.41
N ALA A 126 -15.74 -5.49 -15.34
CA ALA A 126 -14.70 -5.79 -14.34
C ALA A 126 -14.29 -4.47 -13.69
N ALA A 127 -13.97 -4.55 -12.43
CA ALA A 127 -13.57 -3.39 -11.61
C ALA A 127 -12.50 -3.83 -10.64
N GLY A 128 -11.75 -2.89 -10.09
CA GLY A 128 -10.76 -3.25 -9.09
C GLY A 128 -10.14 -2.03 -8.46
N TRP A 129 -9.56 -2.25 -7.29
CA TRP A 129 -8.84 -1.23 -6.52
C TRP A 129 -7.36 -1.47 -6.67
N SER A 130 -6.53 -0.44 -6.83
CA SER A 130 -5.07 -0.56 -6.65
C SER A 130 -4.58 -1.57 -7.68
N MET A 131 -3.76 -2.54 -7.30
CA MET A 131 -3.25 -3.51 -8.32
C MET A 131 -4.41 -4.27 -8.97
N GLY A 132 -5.53 -4.45 -8.28
CA GLY A 132 -6.72 -5.04 -8.90
C GLY A 132 -7.23 -4.17 -10.01
N GLY A 133 -7.20 -2.85 -9.86
CA GLY A 133 -7.55 -1.91 -10.94
C GLY A 133 -6.52 -1.94 -12.03
N GLY A 134 -5.26 -2.12 -11.71
CA GLY A 134 -4.23 -2.32 -12.74
C GLY A 134 -4.46 -3.56 -13.58
N GLY A 135 -5.06 -4.60 -13.01
CA GLY A 135 -5.40 -5.82 -13.75
C GLY A 135 -6.47 -5.61 -14.75
N LEU A 136 -7.15 -4.48 -14.78
CA LEU A 136 -8.22 -4.30 -15.75
C LEU A 136 -7.67 -4.18 -17.15
N ARG A 137 -6.41 -3.79 -17.33
CA ARG A 137 -5.83 -3.75 -18.69
C ARG A 137 -5.82 -5.17 -19.27
N ARG A 138 -5.27 -6.11 -18.51
CA ARG A 138 -5.25 -7.51 -18.99
C ARG A 138 -6.67 -8.03 -19.15
N ALA A 139 -7.60 -7.72 -18.28
CA ALA A 139 -8.97 -8.23 -18.45
C ALA A 139 -9.56 -7.64 -19.71
N ALA A 140 -9.45 -6.37 -20.00
CA ALA A 140 -10.04 -5.74 -21.17
C ALA A 140 -9.33 -6.23 -22.44
N LEU A 141 -8.03 -6.41 -22.44
CA LEU A 141 -7.32 -6.82 -23.66
C LEU A 141 -7.66 -8.26 -23.96
N GLN A 142 -7.78 -9.11 -22.95
CA GLN A 142 -8.10 -10.54 -23.16
C GLN A 142 -9.57 -10.74 -23.44
N ARG A 143 -10.40 -9.80 -22.99
CA ARG A 143 -11.87 -9.93 -23.14
C ARG A 143 -12.45 -8.59 -23.60
N PRO A 144 -12.24 -8.20 -24.88
CA PRO A 144 -12.77 -6.93 -25.37
C PRO A 144 -14.30 -6.87 -25.39
N SER A 145 -14.97 -8.01 -25.23
CA SER A 145 -16.45 -8.04 -25.14
C SER A 145 -16.93 -7.51 -23.80
N LEU A 146 -16.08 -7.32 -22.80
CA LEU A 146 -16.55 -6.66 -21.56
C LEU A 146 -17.28 -5.36 -21.91
N LYS A 147 -18.35 -5.04 -21.21
CA LYS A 147 -19.04 -3.76 -21.45
C LYS A 147 -18.38 -2.55 -20.81
N ALA A 148 -17.67 -2.79 -19.72
CA ALA A 148 -17.05 -1.68 -18.97
C ALA A 148 -15.96 -2.22 -18.08
N ILE A 149 -14.97 -1.36 -17.82
CA ILE A 149 -14.02 -1.50 -16.69
C ILE A 149 -14.06 -0.27 -15.84
N VAL A 150 -13.87 -0.47 -14.54
CA VAL A 150 -13.87 0.62 -13.53
C VAL A 150 -12.70 0.45 -12.60
N GLY A 151 -11.67 1.27 -12.73
CA GLY A 151 -10.50 1.19 -11.85
C GLY A 151 -10.54 2.25 -10.77
N MET A 152 -10.35 1.85 -9.54
CA MET A 152 -10.37 2.74 -8.37
C MET A 152 -8.94 2.82 -7.87
N ALA A 153 -8.32 3.98 -8.06
CA ALA A 153 -6.90 4.21 -7.68
C ALA A 153 -6.10 3.09 -8.31
N PRO A 154 -6.22 2.85 -9.61
CA PRO A 154 -5.54 1.77 -10.23
C PRO A 154 -4.01 1.90 -10.12
N TRP A 155 -3.28 0.77 -10.01
CA TRP A 155 -1.82 0.73 -9.96
C TRP A 155 -1.31 -0.19 -11.03
N ASN A 156 -0.43 0.27 -11.89
CA ASN A 156 0.20 -0.58 -12.89
C ASN A 156 1.43 0.16 -13.39
N GLY A 157 2.59 -0.44 -13.41
CA GLY A 157 3.77 0.14 -14.05
C GLY A 157 3.65 0.31 -15.54
N GLU A 158 2.79 -0.46 -16.17
CA GLU A 158 2.51 -0.38 -17.61
C GLU A 158 1.53 0.76 -17.83
N ARG A 159 1.96 1.81 -18.48
CA ARG A 159 1.17 3.03 -18.69
C ARG A 159 0.43 3.03 -20.02
N ASN A 160 0.76 2.10 -20.92
CA ASN A 160 0.21 2.11 -22.28
C ASN A 160 -1.03 1.21 -22.33
N TRP A 161 -2.18 1.86 -22.22
CA TRP A 161 -3.46 1.12 -22.31
C TRP A 161 -4.13 1.45 -23.64
N SER A 162 -3.36 1.81 -24.67
CA SER A 162 -3.88 2.26 -25.98
C SER A 162 -4.63 1.16 -26.72
N ALA A 163 -4.39 -0.08 -26.43
CA ALA A 163 -5.09 -1.18 -27.13
C ALA A 163 -6.48 -1.41 -26.54
N VAL A 164 -6.83 -0.79 -25.40
CA VAL A 164 -8.14 -1.05 -24.74
C VAL A 164 -9.23 -0.41 -25.58
N THR A 165 -10.31 -1.18 -25.77
CA THR A 165 -11.50 -0.71 -26.51
C THR A 165 -12.76 -0.79 -25.67
N VAL A 166 -12.65 -1.14 -24.40
CA VAL A 166 -13.78 -1.25 -23.44
C VAL A 166 -13.98 0.07 -22.76
N PRO A 167 -15.19 0.62 -22.65
CA PRO A 167 -15.44 1.85 -21.94
C PRO A 167 -14.81 1.82 -20.55
N THR A 168 -13.95 2.81 -20.29
CA THR A 168 -13.10 2.80 -19.07
C THR A 168 -13.41 3.99 -18.19
N LEU A 169 -13.76 3.76 -16.93
CA LEU A 169 -13.86 4.78 -15.86
C LEU A 169 -12.73 4.58 -14.90
N PHE A 170 -11.99 5.64 -14.59
CA PHE A 170 -11.00 5.61 -13.49
C PHE A 170 -11.34 6.65 -12.47
N PHE A 171 -11.14 6.30 -11.22
CA PHE A 171 -11.15 7.20 -10.07
C PHE A 171 -9.73 7.35 -9.55
N GLY A 172 -9.31 8.57 -9.35
CA GLY A 172 -8.05 8.88 -8.66
C GLY A 172 -8.28 9.61 -7.38
N GLY A 173 -7.23 9.63 -6.54
CA GLY A 173 -7.26 10.40 -5.30
C GLY A 173 -6.16 11.46 -5.29
N SER A 174 -6.57 12.70 -5.02
CA SER A 174 -5.57 13.80 -5.05
C SER A 174 -4.48 13.62 -4.01
N SER A 175 -4.74 12.93 -2.91
CA SER A 175 -3.76 12.72 -1.83
C SER A 175 -3.24 11.30 -1.87
N ASP A 176 -3.38 10.58 -2.97
CA ASP A 176 -2.91 9.19 -3.10
C ASP A 176 -1.44 9.19 -3.48
N ALA A 177 -0.59 8.77 -2.56
CA ALA A 177 0.86 8.72 -2.85
C ALA A 177 1.28 7.30 -3.25
N VAL A 178 0.36 6.34 -3.20
CA VAL A 178 0.65 4.96 -3.60
C VAL A 178 0.52 4.80 -5.11
N ALA A 179 -0.64 5.19 -5.62
CA ALA A 179 -0.98 5.10 -7.06
C ALA A 179 -1.41 6.49 -7.51
N SER A 180 -0.48 7.44 -7.44
CA SER A 180 -0.89 8.84 -7.70
CA SER A 180 -0.74 8.85 -7.75
C SER A 180 -1.47 8.95 -9.10
N PRO A 181 -2.44 9.85 -9.26
CA PRO A 181 -2.96 10.14 -10.58
C PRO A 181 -1.88 10.41 -11.63
N ASN A 182 -0.87 11.19 -11.30
CA ASN A 182 0.13 11.55 -12.30
C ASN A 182 0.88 10.31 -12.80
N ASP A 183 1.12 9.34 -11.92
CA ASP A 183 1.96 8.18 -12.29
C ASP A 183 1.12 6.98 -12.76
N HIS A 184 -0.17 6.97 -12.52
CA HIS A 184 -0.99 5.75 -12.77
C HIS A 184 -2.23 6.17 -13.54
N ALA A 185 -3.31 6.51 -12.87
CA ALA A 185 -4.60 6.68 -13.57
C ALA A 185 -4.52 7.64 -14.73
N LYS A 186 -3.85 8.78 -14.63
CA LYS A 186 -3.91 9.76 -15.72
C LYS A 186 -3.13 9.25 -16.92
N PRO A 187 -1.89 8.76 -16.81
CA PRO A 187 -1.23 8.13 -17.96
C PRO A 187 -2.09 7.03 -18.58
N PHE A 188 -2.77 6.20 -17.79
CA PHE A 188 -3.60 5.13 -18.40
C PHE A 188 -4.70 5.78 -19.22
N TYR A 189 -5.40 6.73 -18.60
CA TYR A 189 -6.53 7.43 -19.25
C TYR A 189 -6.02 8.10 -20.53
N ASN A 190 -4.90 8.78 -20.46
CA ASN A 190 -4.41 9.58 -21.61
C ASN A 190 -4.05 8.66 -22.74
N SER A 191 -3.63 7.43 -22.49
CA SER A 191 -3.25 6.50 -23.57
C SER A 191 -4.47 5.92 -24.26
N ILE A 192 -5.65 5.96 -23.68
CA ILE A 192 -6.84 5.30 -24.25
C ILE A 192 -7.44 6.20 -25.30
N THR A 193 -7.25 5.83 -26.56
CA THR A 193 -7.76 6.61 -27.71
C THR A 193 -8.84 5.84 -28.42
N ARG A 194 -9.11 4.58 -28.10
CA ARG A 194 -10.01 3.70 -28.85
C ARG A 194 -11.19 3.24 -28.02
N ALA A 195 -11.46 3.93 -26.90
CA ALA A 195 -12.63 3.62 -26.06
C ALA A 195 -13.22 4.89 -25.50
N GLU A 196 -14.50 4.86 -25.21
CA GLU A 196 -15.09 5.88 -24.37
C GLU A 196 -14.46 5.84 -22.99
N LYS A 197 -14.34 6.96 -22.33
CA LYS A 197 -13.57 6.98 -21.04
C LYS A 197 -14.00 8.14 -20.20
N ASP A 198 -13.66 8.03 -18.93
CA ASP A 198 -14.06 9.00 -17.91
C ASP A 198 -13.06 8.92 -16.79
N TYR A 199 -12.60 10.05 -16.29
CA TYR A 199 -11.66 10.15 -15.17
C TYR A 199 -12.23 11.14 -14.16
N ILE A 200 -12.36 10.72 -12.90
CA ILE A 200 -12.88 11.53 -11.80
C ILE A 200 -11.90 11.43 -10.66
N GLU A 201 -11.37 12.54 -10.20
CA GLU A 201 -10.40 12.62 -9.09
C GLU A 201 -11.09 13.16 -7.87
N LEU A 202 -10.90 12.46 -6.75
CA LEU A 202 -11.52 12.88 -5.47
C LEU A 202 -10.61 13.77 -4.66
N ARG A 203 -11.09 14.95 -4.34
CA ARG A 203 -10.38 15.95 -3.57
C ARG A 203 -9.96 15.39 -2.21
N ASN A 204 -8.71 15.59 -1.83
CA ASN A 204 -8.16 15.19 -0.51
C ASN A 204 -8.19 13.68 -0.28
N ALA A 205 -8.42 12.85 -1.26
CA ALA A 205 -8.61 11.41 -1.04
C ALA A 205 -7.28 10.72 -1.19
N ASP A 206 -7.00 9.79 -0.25
CA ASP A 206 -5.78 8.97 -0.31
C ASP A 206 -6.00 7.61 -0.95
N HIS A 207 -5.04 6.72 -0.96
CA HIS A 207 -5.16 5.45 -1.70
C HIS A 207 -6.31 4.58 -1.19
N PHE A 208 -6.76 4.81 0.04
CA PHE A 208 -7.77 3.95 0.66
C PHE A 208 -9.18 4.46 0.48
N PHE A 209 -9.42 5.46 -0.38
CA PHE A 209 -10.79 6.01 -0.53
C PHE A 209 -11.75 4.89 -0.94
N PRO A 210 -11.39 3.86 -1.73
CA PRO A 210 -12.40 2.87 -2.11
C PRO A 210 -12.82 1.96 -0.96
N THR A 211 -12.14 2.00 0.17
CA THR A 211 -12.35 1.00 1.25
C THR A 211 -13.43 1.44 2.21
N SER A 212 -14.01 2.60 2.06
CA SER A 212 -15.10 3.10 2.93
C SER A 212 -16.18 3.64 2.04
N ALA A 213 -17.39 3.55 2.47
CA ALA A 213 -18.54 4.07 1.70
C ALA A 213 -18.20 5.50 1.28
N ASN A 214 -18.32 5.75 0.00
CA ASN A 214 -17.98 7.03 -0.64
C ASN A 214 -19.05 7.33 -1.69
N THR A 215 -19.96 8.23 -1.39
CA THR A 215 -21.13 8.48 -2.25
C THR A 215 -20.71 9.06 -3.59
N THR A 216 -19.65 9.85 -3.63
CA THR A 216 -19.18 10.44 -4.90
C THR A 216 -18.68 9.31 -5.81
N MET A 217 -17.86 8.42 -5.29
CA MET A 217 -17.38 7.30 -6.13
C MET A 217 -18.57 6.42 -6.51
N ALA A 218 -19.40 6.08 -5.56
CA ALA A 218 -20.50 5.12 -5.83
C ALA A 218 -21.43 5.65 -6.92
N LYS A 219 -21.82 6.93 -6.89
CA LYS A 219 -22.85 7.39 -7.81
C LYS A 219 -22.35 7.32 -9.23
N TYR A 220 -21.06 7.57 -9.45
CA TYR A 220 -20.50 7.50 -10.81
C TYR A 220 -20.18 6.09 -11.23
N PHE A 221 -19.79 5.25 -10.30
CA PHE A 221 -19.58 3.80 -10.58
C PHE A 221 -20.93 3.21 -11.06
N ILE A 222 -21.98 3.48 -10.30
CA ILE A 222 -23.35 2.99 -10.64
C ILE A 222 -23.70 3.50 -12.01
N SER A 223 -23.48 4.78 -12.27
CA SER A 223 -23.92 5.39 -13.54
C SER A 223 -23.18 4.77 -14.69
N TRP A 224 -21.89 4.53 -14.56
CA TRP A 224 -21.08 3.89 -15.60
C TRP A 224 -21.59 2.47 -15.88
N LEU A 225 -21.78 1.68 -14.84
CA LEU A 225 -22.32 0.33 -15.06
C LEU A 225 -23.69 0.37 -15.73
N LYS A 226 -24.57 1.25 -15.28
CA LYS A 226 -25.91 1.36 -15.92
C LYS A 226 -25.71 1.71 -17.40
N ARG A 227 -24.91 2.72 -17.72
CA ARG A 227 -24.83 3.22 -19.10
C ARG A 227 -24.30 2.10 -19.98
N TRP A 228 -23.29 1.33 -19.56
CA TRP A 228 -22.58 0.41 -20.46
C TRP A 228 -23.08 -1.01 -20.29
N VAL A 229 -23.17 -1.52 -19.07
CA VAL A 229 -23.66 -2.89 -18.88
C VAL A 229 -25.13 -3.04 -19.31
N ASP A 230 -25.94 -2.04 -19.05
CA ASP A 230 -27.39 -2.12 -19.33
C ASP A 230 -27.74 -1.30 -20.56
N ASN A 231 -26.79 -0.67 -21.24
CA ASN A 231 -27.09 0.28 -22.34
C ASN A 231 -28.04 1.34 -21.86
N ASP A 232 -28.04 1.72 -20.61
CA ASP A 232 -29.11 2.52 -20.02
C ASP A 232 -28.78 4.01 -20.13
N THR A 233 -29.24 4.65 -21.18
CA THR A 233 -28.93 6.05 -21.50
C THR A 233 -29.67 6.97 -20.54
N ARG A 234 -30.54 6.49 -19.67
CA ARG A 234 -31.13 7.32 -18.60
C ARG A 234 -30.04 7.82 -17.65
N TYR A 235 -28.86 7.16 -17.65
CA TYR A 235 -27.81 7.51 -16.70
C TYR A 235 -26.77 8.43 -17.33
N THR A 236 -26.87 8.73 -18.62
CA THR A 236 -25.90 9.64 -19.26
C THR A 236 -25.96 11.01 -18.58
N GLN A 237 -27.16 11.42 -18.14
CA GLN A 237 -27.34 12.76 -17.55
C GLN A 237 -26.39 12.95 -16.37
N PHE A 238 -25.97 11.88 -15.65
CA PHE A 238 -25.13 12.05 -14.45
C PHE A 238 -23.66 12.10 -14.87
N LEU A 239 -23.34 11.48 -15.97
CA LEU A 239 -21.94 11.39 -16.47
C LEU A 239 -21.57 12.62 -17.29
N CYS A 240 -22.54 13.25 -17.94
CA CYS A 240 -22.30 14.32 -18.94
C CYS A 240 -23.14 15.53 -18.57
N PRO A 241 -22.59 16.67 -18.11
CA PRO A 241 -21.14 16.93 -18.06
C PRO A 241 -20.42 16.28 -16.87
N GLY A 242 -21.13 15.69 -15.94
CA GLY A 242 -20.44 14.99 -14.84
C GLY A 242 -20.17 15.98 -13.73
N PRO A 243 -19.27 15.65 -12.79
CA PRO A 243 -19.18 16.39 -11.53
C PRO A 243 -18.58 17.81 -11.72
N SER A 244 -18.99 18.74 -10.84
N SER A 244 -18.98 18.73 -10.83
CA SER A 244 -18.31 20.05 -10.62
CA SER A 244 -18.33 20.04 -10.59
C SER A 244 -16.91 19.84 -10.05
C SER A 244 -16.92 19.85 -10.01
N THR A 245 -15.99 20.79 -10.29
CA THR A 245 -14.58 20.71 -9.84
C THR A 245 -14.14 21.99 -9.14
N GLY A 246 -15.08 22.74 -8.61
CA GLY A 246 -14.73 23.97 -7.90
C GLY A 246 -13.94 23.71 -6.63
N LEU A 247 -13.43 24.80 -6.07
CA LEU A 247 -12.47 24.74 -4.97
C LEU A 247 -12.96 23.88 -3.81
N PHE A 248 -14.25 23.85 -3.51
CA PHE A 248 -14.81 23.13 -2.34
C PHE A 248 -15.56 21.86 -2.75
N ALA A 249 -15.55 21.51 -4.02
CA ALA A 249 -16.27 20.33 -4.50
C ALA A 249 -15.51 19.07 -4.06
N PRO A 250 -16.22 17.94 -3.94
CA PRO A 250 -15.55 16.69 -3.58
C PRO A 250 -14.73 16.09 -4.72
N VAL A 251 -14.93 16.61 -5.92
CA VAL A 251 -14.18 16.22 -7.12
C VAL A 251 -13.21 17.36 -7.45
N SER A 252 -11.95 17.07 -7.59
CA SER A 252 -10.90 18.06 -7.89
C SER A 252 -10.54 18.04 -9.36
N ALA A 253 -10.87 17.03 -10.14
CA ALA A 253 -10.54 16.97 -11.58
C ALA A 253 -11.49 16.01 -12.26
N SER A 254 -11.87 16.31 -13.48
CA SER A 254 -12.89 15.55 -14.21
C SER A 254 -12.61 15.66 -15.68
N MET A 255 -12.51 14.59 -16.39
CA MET A 255 -12.27 14.55 -17.86
C MET A 255 -13.07 13.40 -18.43
N ASN A 256 -13.66 13.51 -19.61
CA ASN A 256 -14.39 12.40 -20.21
C ASN A 256 -14.52 12.62 -21.71
N THR A 257 -15.10 11.64 -22.36
CA THR A 257 -15.41 11.73 -23.82
C THR A 257 -16.92 11.91 -24.01
N CYS A 258 -17.60 12.62 -23.13
CA CYS A 258 -19.03 12.97 -23.34
C CYS A 258 -19.22 13.58 -24.71
N PRO A 259 -20.36 13.34 -25.41
CA PRO A 259 -21.48 12.50 -24.95
C PRO A 259 -21.46 10.97 -25.16
N PHE A 260 -20.31 10.40 -25.52
CA PHE A 260 -20.06 8.93 -25.65
C PHE A 260 -20.78 8.30 -26.85
N ASP B 4 35.39 5.43 27.56
CA ASP B 4 34.53 4.31 28.07
C ASP B 4 34.19 3.35 26.94
N ASN B 5 34.25 3.81 25.68
CA ASN B 5 33.73 3.07 24.52
C ASN B 5 34.25 3.74 23.27
N PRO B 6 35.06 3.00 22.48
CA PRO B 6 35.66 3.64 21.32
C PRO B 6 34.66 3.99 20.21
N TYR B 7 33.41 3.49 20.30
CA TYR B 7 32.42 3.75 19.22
C TYR B 7 31.45 4.84 19.60
N GLN B 8 31.56 5.34 20.83
CA GLN B 8 30.65 6.37 21.33
C GLN B 8 30.84 7.62 20.52
N ARG B 9 29.78 8.23 20.02
CA ARG B 9 29.90 9.49 19.28
C ARG B 9 28.91 10.51 19.82
N GLY B 10 29.35 11.76 19.88
CA GLY B 10 28.46 12.83 20.29
C GLY B 10 28.39 12.95 21.82
N PRO B 11 27.76 14.07 22.24
CA PRO B 11 27.66 14.40 23.65
C PRO B 11 26.64 13.49 24.35
N ASP B 12 26.81 13.35 25.64
CA ASP B 12 25.88 12.60 26.49
C ASP B 12 24.47 13.02 26.15
N PRO B 13 23.60 12.04 25.80
CA PRO B 13 22.28 12.38 25.30
C PRO B 13 21.28 12.78 26.37
N THR B 14 20.22 13.35 25.86
CA THR B 14 19.05 13.73 26.67
C THR B 14 17.82 13.45 25.85
N ASN B 15 16.65 13.61 26.47
N ASN B 15 16.64 13.57 26.46
CA ASN B 15 15.39 13.45 25.69
CA ASN B 15 15.38 13.44 25.68
C ASN B 15 15.41 14.43 24.53
C ASN B 15 15.44 14.43 24.52
N ALA B 16 15.96 15.63 24.76
CA ALA B 16 16.04 16.61 23.68
C ALA B 16 16.99 16.17 22.52
N SER B 17 18.15 15.62 22.85
CA SER B 17 19.12 15.16 21.81
C SER B 17 18.47 14.07 20.95
N ILE B 18 17.70 13.15 21.53
CA ILE B 18 17.15 12.04 20.69
C ILE B 18 15.90 12.52 19.96
N GLU B 19 15.23 13.60 20.40
CA GLU B 19 14.05 14.13 19.68
C GLU B 19 14.44 15.18 18.64
N ALA B 20 15.72 15.55 18.61
CA ALA B 20 16.19 16.64 17.74
C ALA B 20 15.90 16.30 16.29
N ALA B 21 15.46 17.22 15.47
CA ALA B 21 15.35 17.05 14.03
C ALA B 21 16.76 16.94 13.43
N THR B 22 17.74 17.64 13.98
CA THR B 22 19.15 17.70 13.47
C THR B 22 20.05 17.46 14.67
N GLY B 23 20.78 16.35 14.75
CA GLY B 23 21.72 16.08 15.81
C GLY B 23 23.02 16.87 15.63
N PRO B 24 24.02 16.44 16.40
CA PRO B 24 25.25 17.23 16.49
C PRO B 24 26.17 17.13 15.29
N PHE B 25 25.96 16.21 14.34
CA PHE B 25 26.88 16.02 13.19
C PHE B 25 26.37 16.76 11.98
N ALA B 26 27.19 17.60 11.36
CA ALA B 26 26.91 18.15 10.05
C ALA B 26 26.78 16.99 9.04
N VAL B 27 25.95 17.14 8.04
CA VAL B 27 25.58 16.02 7.14
C VAL B 27 25.82 16.45 5.70
N GLY B 28 26.21 15.47 4.92
CA GLY B 28 26.28 15.56 3.46
C GLY B 28 25.43 14.48 2.82
N THR B 29 25.14 14.62 1.55
CA THR B 29 24.31 13.64 0.84
C THR B 29 24.70 13.59 -0.63
N GLN B 30 24.55 12.45 -1.26
CA GLN B 30 24.67 12.34 -2.71
C GLN B 30 23.97 11.08 -3.19
N PRO B 31 23.61 11.02 -4.48
CA PRO B 31 23.00 9.84 -5.03
C PRO B 31 23.96 8.66 -5.03
N ILE B 32 23.38 7.48 -4.96
CA ILE B 32 24.11 6.21 -5.16
C ILE B 32 24.31 5.97 -6.65
N VAL B 33 25.58 5.89 -7.05
CA VAL B 33 25.98 5.63 -8.46
C VAL B 33 26.84 4.34 -8.50
N GLY B 34 26.52 3.40 -9.40
CA GLY B 34 27.23 2.10 -9.50
C GLY B 34 26.68 1.02 -8.58
N ALA B 35 25.44 1.14 -8.17
CA ALA B 35 24.77 0.09 -7.34
C ALA B 35 24.84 -1.21 -8.13
N SER B 36 25.25 -2.31 -7.52
CA SER B 36 24.94 -3.66 -8.02
C SER B 36 24.15 -4.37 -6.94
N GLY B 37 23.11 -5.07 -7.33
CA GLY B 37 22.38 -5.95 -6.41
C GLY B 37 21.26 -5.21 -5.71
N PHE B 38 20.97 -3.96 -6.09
CA PHE B 38 19.80 -3.18 -5.62
C PHE B 38 19.59 -2.01 -6.58
N GLY B 39 18.57 -1.19 -6.37
CA GLY B 39 18.08 -0.27 -7.40
C GLY B 39 18.69 1.10 -7.33
N GLY B 40 19.66 1.36 -6.48
CA GLY B 40 20.21 2.72 -6.30
C GLY B 40 19.69 3.39 -5.04
N GLY B 41 19.55 4.72 -5.03
CA GLY B 41 19.07 5.45 -3.85
C GLY B 41 19.97 6.60 -3.52
N GLN B 42 20.11 6.92 -2.25
CA GLN B 42 20.79 8.13 -1.76
C GLN B 42 21.56 7.77 -0.50
N ILE B 43 22.76 8.32 -0.33
CA ILE B 43 23.51 8.16 0.92
C ILE B 43 23.52 9.47 1.66
N TYR B 44 23.59 9.39 2.97
CA TYR B 44 23.62 10.53 3.92
C TYR B 44 24.72 10.22 4.90
N TYR B 45 25.50 11.20 5.32
CA TYR B 45 26.68 10.87 6.13
C TYR B 45 27.15 12.06 6.92
N PRO B 46 27.83 11.86 8.03
CA PRO B 46 28.54 12.96 8.67
C PRO B 46 29.63 13.46 7.73
N THR B 47 29.82 14.78 7.63
CA THR B 47 30.96 15.34 6.88
C THR B 47 32.20 15.36 7.77
N ASP B 48 32.14 15.19 9.04
CA ASP B 48 33.34 15.15 9.92
C ASP B 48 34.08 13.81 9.68
N THR B 49 35.13 13.79 8.87
CA THR B 49 35.75 12.47 8.58
C THR B 49 36.96 12.29 9.52
N SER B 50 37.08 13.04 10.64
CA SER B 50 38.03 12.78 11.77
C SER B 50 37.58 11.56 12.56
N GLN B 51 36.32 11.11 12.35
CA GLN B 51 35.76 9.98 13.06
C GLN B 51 35.21 9.03 12.01
N THR B 52 35.13 7.76 12.39
N THR B 52 35.03 7.78 12.52
CA THR B 52 34.46 6.75 11.56
CA THR B 52 34.48 6.61 11.80
C THR B 52 33.16 6.43 12.27
C THR B 52 33.15 6.17 12.40
N TYR B 53 32.21 5.88 11.52
CA TYR B 53 30.83 5.64 11.98
C TYR B 53 30.36 4.27 11.56
N GLY B 54 29.36 3.76 12.25
CA GLY B 54 28.59 2.64 11.73
C GLY B 54 27.60 3.09 10.66
N ALA B 55 26.98 2.13 9.99
CA ALA B 55 26.10 2.39 8.84
C ALA B 55 24.78 1.65 9.00
N VAL B 56 23.73 2.26 8.48
CA VAL B 56 22.41 1.63 8.46
C VAL B 56 21.87 1.76 7.05
N VAL B 57 21.37 0.65 6.52
CA VAL B 57 20.64 0.63 5.26
C VAL B 57 19.14 0.72 5.57
N ILE B 58 18.39 1.45 4.78
CA ILE B 58 16.93 1.61 4.97
C ILE B 58 16.23 1.25 3.68
N VAL B 59 15.30 0.32 3.74
CA VAL B 59 14.65 -0.28 2.57
C VAL B 59 13.21 0.16 2.52
N PRO B 60 12.72 0.61 1.39
CA PRO B 60 11.36 1.12 1.22
C PRO B 60 10.25 0.10 1.22
N GLY B 61 9.00 0.62 1.27
CA GLY B 61 7.79 -0.19 1.29
C GLY B 61 7.46 -0.80 -0.07
N PHE B 62 6.55 -1.79 -0.03
CA PHE B 62 6.07 -2.47 -1.28
C PHE B 62 5.57 -1.39 -2.23
N ILE B 63 5.95 -1.51 -3.51
CA ILE B 63 5.57 -0.54 -4.59
C ILE B 63 5.84 0.91 -4.16
N SER B 64 6.85 1.14 -3.29
CA SER B 64 7.24 2.50 -2.90
CA SER B 64 7.24 2.53 -2.92
C SER B 64 8.72 2.84 -3.25
N VAL B 65 9.03 4.12 -3.17
CA VAL B 65 10.36 4.66 -3.51
C VAL B 65 11.00 5.21 -2.26
N TRP B 66 12.32 5.30 -2.31
CA TRP B 66 13.09 5.84 -1.17
C TRP B 66 12.59 7.21 -0.70
N ALA B 67 12.19 8.07 -1.65
CA ALA B 67 11.84 9.46 -1.29
C ALA B 67 10.74 9.53 -0.24
N GLN B 68 9.89 8.52 -0.18
CA GLN B 68 8.82 8.53 0.85
C GLN B 68 9.37 8.43 2.28
N LEU B 69 10.60 7.94 2.45
CA LEU B 69 11.24 7.79 3.78
C LEU B 69 12.42 8.75 3.96
N ASN B 70 12.62 9.69 3.04
CA ASN B 70 13.93 10.38 3.00
C ASN B 70 14.17 11.38 4.11
N TRP B 71 13.17 11.76 4.89
CA TRP B 71 13.40 12.57 6.08
C TRP B 71 14.32 11.83 7.05
N LEU B 72 14.34 10.50 7.02
CA LEU B 72 15.17 9.69 7.93
C LEU B 72 16.64 9.87 7.59
N GLY B 73 16.99 10.25 6.37
CA GLY B 73 18.41 10.33 5.99
C GLY B 73 19.16 11.33 6.85
N PRO B 74 18.78 12.64 6.81
CA PRO B 74 19.53 13.60 7.61
C PRO B 74 19.26 13.40 9.11
N ARG B 75 18.06 13.00 9.45
CA ARG B 75 17.64 12.85 10.85
C ARG B 75 18.60 11.88 11.54
N LEU B 76 18.85 10.73 10.91
CA LEU B 76 19.71 9.71 11.53
C LEU B 76 21.19 10.02 11.25
N ALA B 77 21.54 10.49 10.07
CA ALA B 77 22.99 10.69 9.78
C ALA B 77 23.54 11.73 10.73
N SER B 78 22.74 12.74 11.09
CA SER B 78 23.16 13.86 11.96
C SER B 78 23.38 13.38 13.37
N GLN B 79 23.03 12.15 13.73
CA GLN B 79 23.35 11.53 15.01
C GLN B 79 24.67 10.74 14.97
N GLY B 80 25.32 10.72 13.83
CA GLY B 80 26.63 10.02 13.68
C GLY B 80 26.49 8.65 13.06
N PHE B 81 25.85 8.55 11.94
CA PHE B 81 25.70 7.29 11.19
C PHE B 81 25.75 7.62 9.71
N VAL B 82 26.29 6.65 8.93
CA VAL B 82 26.06 6.69 7.49
C VAL B 82 24.74 5.97 7.21
N VAL B 83 23.90 6.61 6.44
CA VAL B 83 22.55 6.11 6.11
C VAL B 83 22.47 5.84 4.63
N ILE B 84 22.10 4.63 4.26
CA ILE B 84 22.04 4.20 2.85
C ILE B 84 20.57 3.91 2.56
N GLY B 85 19.91 4.88 1.91
CA GLY B 85 18.46 4.75 1.63
C GLY B 85 18.31 4.22 0.23
N ILE B 86 17.67 3.09 0.03
CA ILE B 86 17.77 2.41 -1.28
C ILE B 86 16.45 2.45 -2.02
N GLU B 87 16.58 2.28 -3.35
CA GLU B 87 15.47 1.77 -4.20
C GLU B 87 15.63 0.27 -4.34
N THR B 88 14.54 -0.46 -4.40
CA THR B 88 14.60 -1.89 -4.67
C THR B 88 14.78 -2.11 -6.16
N SER B 89 15.30 -3.26 -6.51
CA SER B 89 15.55 -3.61 -7.93
C SER B 89 14.23 -3.60 -8.71
N VAL B 90 13.15 -4.09 -8.11
CA VAL B 90 11.81 -4.08 -8.74
C VAL B 90 10.88 -3.52 -7.72
N ILE B 91 10.01 -2.62 -8.11
CA ILE B 91 9.22 -1.93 -7.09
C ILE B 91 8.21 -2.85 -6.38
N THR B 92 7.95 -4.02 -6.99
CA THR B 92 7.06 -5.08 -6.46
C THR B 92 7.85 -6.20 -5.78
N ASP B 93 9.16 -6.02 -5.51
CA ASP B 93 9.94 -7.06 -4.82
C ASP B 93 9.26 -7.50 -3.52
N LEU B 94 9.29 -8.77 -3.24
CA LEU B 94 8.73 -9.32 -1.98
C LEU B 94 9.76 -9.21 -0.85
N PRO B 95 9.41 -9.58 0.39
CA PRO B 95 10.32 -9.34 1.51
C PRO B 95 11.73 -9.92 1.37
N ASP B 96 11.83 -11.20 1.04
CA ASP B 96 13.18 -11.83 1.06
C ASP B 96 14.11 -11.12 0.06
N PRO B 97 13.73 -10.84 -1.20
CA PRO B 97 14.63 -10.09 -2.06
C PRO B 97 15.02 -8.75 -1.43
N ARG B 98 14.08 -8.07 -0.79
CA ARG B 98 14.40 -6.78 -0.14
C ARG B 98 15.52 -6.98 0.91
N GLY B 99 15.48 -8.08 1.66
CA GLY B 99 16.59 -8.35 2.60
C GLY B 99 17.91 -8.61 1.92
N ASP B 100 17.89 -9.35 0.81
CA ASP B 100 19.12 -9.55 0.04
C ASP B 100 19.65 -8.20 -0.41
N GLN B 101 18.76 -7.32 -0.86
CA GLN B 101 19.21 -6.00 -1.38
C GLN B 101 19.73 -5.11 -0.26
N ALA B 102 19.20 -5.23 0.95
CA ALA B 102 19.73 -4.49 2.11
C ALA B 102 21.22 -4.86 2.28
N LEU B 103 21.51 -6.17 2.22
CA LEU B 103 22.90 -6.65 2.40
C LEU B 103 23.77 -6.20 1.23
N ALA B 104 23.25 -6.31 0.00
CA ALA B 104 24.03 -5.85 -1.18
C ALA B 104 24.38 -4.35 -1.05
N ALA B 105 23.48 -3.55 -0.50
CA ALA B 105 23.70 -2.10 -0.38
C ALA B 105 24.72 -1.81 0.73
N LEU B 106 24.67 -2.56 1.82
CA LEU B 106 25.72 -2.44 2.85
C LEU B 106 27.08 -2.80 2.25
N ASP B 107 27.15 -3.86 1.49
CA ASP B 107 28.44 -4.28 0.90
C ASP B 107 28.90 -3.17 -0.06
N TRP B 108 28.03 -2.61 -0.88
CA TRP B 108 28.40 -1.50 -1.77
C TRP B 108 28.95 -0.34 -0.93
N ALA B 109 28.25 0.03 0.13
CA ALA B 109 28.62 1.21 0.93
C ALA B 109 30.02 1.02 1.51
N THR B 110 30.31 -0.15 2.04
CA THR B 110 31.55 -0.39 2.80
C THR B 110 32.71 -0.69 1.85
N THR B 111 32.49 -0.87 0.55
CA THR B 111 33.62 -1.29 -0.36
C THR B 111 33.77 -0.30 -1.51
N ARG B 112 32.72 0.18 -2.13
CA ARG B 112 32.80 0.92 -3.41
C ARG B 112 32.29 2.36 -3.30
N SER B 113 31.55 2.72 -2.26
CA SER B 113 30.95 4.06 -2.23
C SER B 113 32.00 5.12 -1.93
N PRO B 114 31.62 6.37 -2.15
CA PRO B 114 32.46 7.50 -1.82
C PRO B 114 32.72 7.61 -0.33
N VAL B 115 31.95 6.93 0.54
CA VAL B 115 32.23 7.07 1.99
C VAL B 115 32.64 5.74 2.64
N ALA B 116 33.09 4.77 1.85
CA ALA B 116 33.58 3.49 2.41
C ALA B 116 34.65 3.74 3.48
N SER B 117 35.54 4.70 3.23
CA SER B 117 36.66 5.08 4.15
C SER B 117 36.19 5.64 5.49
N ARG B 118 34.91 6.05 5.61
CA ARG B 118 34.41 6.69 6.86
C ARG B 118 33.48 5.75 7.65
N ILE B 119 33.34 4.52 7.15
CA ILE B 119 32.45 3.52 7.80
C ILE B 119 33.30 2.46 8.49
N ASP B 120 32.97 2.04 9.69
CA ASP B 120 33.44 0.83 10.34
C ASP B 120 32.60 -0.30 9.81
N ARG B 121 33.09 -1.08 8.86
CA ARG B 121 32.31 -2.11 8.17
C ARG B 121 31.90 -3.22 9.12
N THR B 122 32.44 -3.28 10.35
CA THR B 122 32.03 -4.28 11.35
C THR B 122 30.78 -3.87 12.15
N ARG B 123 30.25 -2.66 11.92
CA ARG B 123 29.14 -2.14 12.77
C ARG B 123 28.04 -1.63 11.83
N LEU B 124 27.15 -2.54 11.50
CA LEU B 124 26.12 -2.32 10.47
C LEU B 124 24.74 -2.67 11.00
N ALA B 125 23.72 -1.98 10.47
CA ALA B 125 22.32 -2.25 10.80
C ALA B 125 21.51 -2.18 9.53
N ALA B 126 20.32 -2.78 9.61
CA ALA B 126 19.35 -2.72 8.49
C ALA B 126 17.98 -2.37 9.02
N ALA B 127 17.28 -1.56 8.25
CA ALA B 127 15.95 -1.10 8.66
C ALA B 127 15.07 -1.10 7.41
N GLY B 128 13.77 -1.00 7.61
CA GLY B 128 12.89 -0.85 6.45
C GLY B 128 11.44 -0.64 6.89
N TRP B 129 10.67 -0.15 5.93
CA TRP B 129 9.23 0.06 6.14
C TRP B 129 8.44 -1.02 5.38
N SER B 130 7.38 -1.51 6.00
CA SER B 130 6.45 -2.40 5.26
C SER B 130 7.20 -3.65 4.78
N MET B 131 7.09 -4.00 3.51
CA MET B 131 7.82 -5.18 3.05
C MET B 131 9.33 -5.04 3.19
N GLY B 132 9.82 -3.79 3.20
CA GLY B 132 11.25 -3.57 3.48
C GLY B 132 11.59 -3.96 4.91
N GLY B 133 10.67 -3.70 5.82
CA GLY B 133 10.79 -4.21 7.20
C GLY B 133 10.61 -5.73 7.27
N GLY B 134 9.74 -6.32 6.50
CA GLY B 134 9.63 -7.76 6.42
C GLY B 134 10.89 -8.41 5.93
N GLY B 135 11.64 -7.75 5.08
CA GLY B 135 12.89 -8.25 4.52
C GLY B 135 13.99 -8.33 5.54
N LEU B 136 13.83 -7.73 6.72
CA LEU B 136 14.85 -7.81 7.75
C LEU B 136 15.02 -9.23 8.30
N ARG B 137 14.02 -10.08 8.18
CA ARG B 137 14.22 -11.50 8.57
C ARG B 137 15.34 -12.08 7.69
N ARG B 138 15.21 -11.95 6.38
CA ARG B 138 16.22 -12.48 5.45
C ARG B 138 17.56 -11.83 5.76
N ALA B 139 17.58 -10.50 5.94
CA ALA B 139 18.86 -9.82 6.16
C ALA B 139 19.53 -10.39 7.43
N ALA B 140 18.80 -10.47 8.52
CA ALA B 140 19.35 -10.94 9.80
C ALA B 140 19.74 -12.43 9.73
N LEU B 141 18.98 -13.27 9.06
CA LEU B 141 19.31 -14.71 9.01
C LEU B 141 20.52 -14.87 8.11
N GLN B 142 20.63 -14.14 7.01
CA GLN B 142 21.80 -14.24 6.11
C GLN B 142 23.02 -13.58 6.71
N ARG B 143 22.80 -12.58 7.56
CA ARG B 143 23.95 -11.81 8.12
C ARG B 143 23.75 -11.61 9.63
N PRO B 144 23.95 -12.66 10.46
CA PRO B 144 23.73 -12.52 11.89
C PRO B 144 24.76 -11.61 12.55
N SER B 145 25.79 -11.18 11.86
CA SER B 145 26.76 -10.20 12.39
C SER B 145 26.19 -8.77 12.37
N LEU B 146 25.04 -8.54 11.73
CA LEU B 146 24.36 -7.22 11.87
C LEU B 146 24.22 -6.87 13.35
N LYS B 147 24.41 -5.61 13.68
CA LYS B 147 24.27 -5.17 15.07
C LYS B 147 22.81 -4.96 15.47
N ALA B 148 21.95 -4.62 14.52
CA ALA B 148 20.53 -4.36 14.81
C ALA B 148 19.72 -4.45 13.51
N ILE B 149 18.45 -4.71 13.70
CA ILE B 149 17.44 -4.48 12.66
C ILE B 149 16.29 -3.66 13.27
N VAL B 150 15.71 -2.81 12.44
CA VAL B 150 14.61 -1.90 12.84
C VAL B 150 13.52 -1.96 11.75
N GLY B 151 12.41 -2.60 12.08
CA GLY B 151 11.28 -2.72 11.13
C GLY B 151 10.21 -1.72 11.50
N MET B 152 9.80 -0.92 10.55
CA MET B 152 8.77 0.14 10.73
C MET B 152 7.51 -0.37 10.06
N ALA B 153 6.45 -0.69 10.78
CA ALA B 153 5.22 -1.28 10.21
C ALA B 153 5.58 -2.45 9.31
N PRO B 154 6.37 -3.42 9.79
CA PRO B 154 6.85 -4.50 8.95
C PRO B 154 5.74 -5.36 8.43
N TRP B 155 5.88 -5.84 7.20
CA TRP B 155 4.92 -6.76 6.55
C TRP B 155 5.67 -8.01 6.13
N ASN B 156 5.19 -9.17 6.54
CA ASN B 156 5.73 -10.45 6.09
C ASN B 156 4.67 -11.51 6.39
N GLY B 157 4.25 -12.29 5.41
CA GLY B 157 3.38 -13.45 5.68
C GLY B 157 4.09 -14.52 6.44
N GLU B 158 5.42 -14.59 6.44
CA GLU B 158 6.23 -15.51 7.25
C GLU B 158 6.33 -14.91 8.66
N ARG B 159 5.70 -15.53 9.65
CA ARG B 159 5.64 -14.98 10.99
C ARG B 159 6.66 -15.62 11.92
N ASN B 160 7.40 -16.64 11.48
CA ASN B 160 8.34 -17.34 12.36
C ASN B 160 9.73 -16.74 12.17
N TRP B 161 10.14 -15.86 13.09
CA TRP B 161 11.45 -15.20 13.08
C TRP B 161 12.35 -15.71 14.22
N SER B 162 12.03 -16.95 14.62
CA SER B 162 12.67 -17.58 15.81
C SER B 162 14.16 -17.83 15.64
N ALA B 163 14.71 -17.93 14.44
CA ALA B 163 16.15 -18.13 14.26
C ALA B 163 16.93 -16.80 14.35
N VAL B 164 16.24 -15.64 14.42
CA VAL B 164 16.95 -14.35 14.41
C VAL B 164 17.66 -14.13 15.76
N THR B 165 18.92 -13.75 15.66
CA THR B 165 19.74 -13.50 16.87
C THR B 165 20.19 -12.03 16.94
N VAL B 166 19.81 -11.23 15.96
CA VAL B 166 20.17 -9.79 15.88
C VAL B 166 19.19 -8.98 16.69
N PRO B 167 19.65 -8.01 17.51
CA PRO B 167 18.72 -7.18 18.25
C PRO B 167 17.67 -6.50 17.35
N THR B 168 16.42 -6.73 17.67
CA THR B 168 15.27 -6.40 16.78
C THR B 168 14.34 -5.39 17.44
N LEU B 169 14.15 -4.27 16.78
CA LEU B 169 13.15 -3.26 17.17
C LEU B 169 12.08 -3.23 16.12
N PHE B 170 10.82 -3.33 16.50
CA PHE B 170 9.70 -3.12 15.59
C PHE B 170 8.87 -1.95 16.07
N PHE B 171 8.45 -1.11 15.16
CA PHE B 171 7.39 -0.12 15.38
C PHE B 171 6.14 -0.61 14.74
N GLY B 172 5.04 -0.63 15.48
CA GLY B 172 3.70 -0.90 14.94
C GLY B 172 2.86 0.36 14.91
N GLY B 173 1.86 0.34 14.08
CA GLY B 173 0.83 1.38 14.07
C GLY B 173 -0.47 0.83 14.63
N SER B 174 -1.01 1.49 15.66
CA SER B 174 -2.22 0.91 16.30
C SER B 174 -3.38 0.92 15.31
N SER B 175 -3.40 1.80 14.31
CA SER B 175 -4.47 1.89 13.30
CA SER B 175 -4.51 1.80 13.32
C SER B 175 -4.02 1.33 11.95
N ASP B 176 -2.96 0.52 11.89
CA ASP B 176 -2.44 0.01 10.60
C ASP B 176 -3.26 -1.19 10.19
N ALA B 177 -4.03 -1.04 9.13
CA ALA B 177 -4.90 -2.12 8.57
C ALA B 177 -4.16 -2.91 7.50
N VAL B 178 -3.00 -2.44 7.05
CA VAL B 178 -2.25 -3.05 5.91
C VAL B 178 -1.34 -4.13 6.46
N ALA B 179 -0.57 -3.80 7.47
CA ALA B 179 0.36 -4.69 8.17
C ALA B 179 0.02 -4.64 9.67
N SER B 180 -1.20 -5.06 9.99
CA SER B 180 -1.67 -4.98 11.38
C SER B 180 -0.60 -5.57 12.28
N PRO B 181 -0.21 -4.87 13.36
CA PRO B 181 0.69 -5.46 14.33
C PRO B 181 0.18 -6.78 14.92
N ASN B 182 -1.13 -6.97 14.94
CA ASN B 182 -1.70 -8.23 15.45
C ASN B 182 -1.41 -9.40 14.56
N ASP B 183 -1.05 -9.17 13.29
CA ASP B 183 -0.75 -10.24 12.32
C ASP B 183 0.69 -10.24 11.89
N HIS B 184 1.42 -9.14 12.06
CA HIS B 184 2.80 -8.97 11.55
C HIS B 184 3.70 -8.69 12.75
N ALA B 185 3.90 -7.42 13.14
CA ALA B 185 4.95 -7.12 14.13
C ALA B 185 4.87 -7.97 15.42
N LYS B 186 3.68 -8.08 16.01
CA LYS B 186 3.60 -8.80 17.31
C LYS B 186 3.86 -10.30 17.16
N PRO B 187 3.26 -11.01 16.18
CA PRO B 187 3.72 -12.39 15.94
C PRO B 187 5.22 -12.48 15.71
N PHE B 188 5.80 -11.57 14.92
CA PHE B 188 7.25 -11.66 14.67
C PHE B 188 7.99 -11.57 16.02
N TYR B 189 7.64 -10.53 16.80
CA TYR B 189 8.25 -10.27 18.13
C TYR B 189 8.09 -11.51 19.03
N ASN B 190 6.91 -12.06 19.04
CA ASN B 190 6.61 -13.22 19.94
C ASN B 190 7.45 -14.42 19.52
N SER B 191 7.80 -14.58 18.26
CA SER B 191 8.63 -15.73 17.80
C SER B 191 10.06 -15.55 18.20
N ILE B 192 10.53 -14.34 18.45
CA ILE B 192 11.94 -14.07 18.68
C ILE B 192 12.28 -14.41 20.13
N THR B 193 12.97 -15.53 20.30
CA THR B 193 13.36 -16.05 21.65
C THR B 193 14.88 -16.01 21.78
N ARG B 194 15.63 -15.68 20.74
CA ARG B 194 17.11 -15.78 20.75
C ARG B 194 17.78 -14.44 20.50
N ALA B 195 17.02 -13.36 20.60
CA ALA B 195 17.57 -12.02 20.41
C ALA B 195 16.95 -11.05 21.39
N GLU B 196 17.71 -10.02 21.69
CA GLU B 196 17.12 -8.85 22.37
C GLU B 196 16.05 -8.21 21.46
N LYS B 197 14.95 -7.73 22.03
CA LYS B 197 13.85 -7.27 21.18
C LYS B 197 13.09 -6.16 21.86
N ASP B 198 12.37 -5.40 21.04
CA ASP B 198 11.63 -4.24 21.51
C ASP B 198 10.51 -3.98 20.53
N TYR B 199 9.30 -3.84 21.02
CA TYR B 199 8.09 -3.50 20.23
C TYR B 199 7.56 -2.18 20.78
N ILE B 200 7.44 -1.19 19.94
CA ILE B 200 6.85 0.14 20.30
C ILE B 200 5.71 0.38 19.32
N GLU B 201 4.51 0.57 19.85
CA GLU B 201 3.30 0.78 19.03
C GLU B 201 2.93 2.24 19.09
N LEU B 202 2.81 2.89 17.94
CA LEU B 202 2.39 4.30 17.85
C LEU B 202 0.87 4.42 17.89
N ARG B 203 0.43 5.21 18.85
CA ARG B 203 -1.00 5.46 19.08
C ARG B 203 -1.61 6.15 17.85
N ASN B 204 -2.69 5.57 17.37
CA ASN B 204 -3.54 6.12 16.30
C ASN B 204 -2.76 6.27 14.99
N ALA B 205 -1.68 5.51 14.79
CA ALA B 205 -0.83 5.59 13.59
C ALA B 205 -1.25 4.53 12.62
N ASP B 206 -1.40 4.87 11.37
CA ASP B 206 -1.74 3.90 10.32
C ASP B 206 -0.48 3.40 9.60
N HIS B 207 -0.61 2.68 8.53
CA HIS B 207 0.57 2.01 7.90
C HIS B 207 1.62 3.01 7.42
N PHE B 208 1.23 4.27 7.19
CA PHE B 208 2.07 5.29 6.55
C PHE B 208 2.75 6.19 7.54
N PHE B 209 2.77 5.88 8.84
CA PHE B 209 3.47 6.73 9.80
C PHE B 209 4.92 6.96 9.43
N PRO B 210 5.69 5.97 8.91
CA PRO B 210 7.10 6.22 8.66
C PRO B 210 7.38 7.25 7.58
N THR B 211 6.40 7.63 6.78
CA THR B 211 6.59 8.49 5.61
C THR B 211 6.52 9.98 5.98
N SER B 212 6.35 10.25 7.26
N SER B 212 6.15 10.34 7.21
CA SER B 212 6.10 11.61 7.80
CA SER B 212 6.23 11.76 7.64
C SER B 212 7.03 11.83 9.00
C SER B 212 7.10 11.81 8.87
N ALA B 213 7.81 12.91 9.07
CA ALA B 213 8.68 13.11 10.21
C ALA B 213 7.89 12.82 11.47
N ASN B 214 8.40 11.96 12.32
CA ASN B 214 7.72 11.40 13.51
C ASN B 214 8.77 11.37 14.60
N THR B 215 8.70 12.29 15.51
CA THR B 215 9.68 12.41 16.60
C THR B 215 9.67 11.19 17.50
N THR B 216 8.49 10.63 17.77
CA THR B 216 8.39 9.47 18.65
C THR B 216 9.15 8.28 18.03
N MET B 217 8.89 8.00 16.78
CA MET B 217 9.60 6.90 16.09
C MET B 217 11.10 7.22 16.03
N ALA B 218 11.47 8.42 15.65
CA ALA B 218 12.87 8.77 15.42
C ALA B 218 13.63 8.60 16.72
N LYS B 219 13.10 9.05 17.83
CA LYS B 219 13.90 9.10 19.04
C LYS B 219 14.29 7.68 19.45
N TYR B 220 13.39 6.71 19.30
CA TYR B 220 13.69 5.31 19.68
C TYR B 220 14.53 4.63 18.60
N PHE B 221 14.36 5.00 17.35
CA PHE B 221 15.19 4.44 16.24
C PHE B 221 16.62 4.85 16.51
N ILE B 222 16.85 6.14 16.79
CA ILE B 222 18.22 6.64 17.11
C ILE B 222 18.75 5.89 18.33
N SER B 223 17.97 5.73 19.36
CA SER B 223 18.40 5.08 20.59
C SER B 223 18.83 3.65 20.31
N TRP B 224 18.06 2.94 19.48
CA TRP B 224 18.39 1.54 19.17
C TRP B 224 19.69 1.46 18.37
N LEU B 225 19.82 2.29 17.35
CA LEU B 225 21.07 2.30 16.60
C LEU B 225 22.24 2.58 17.54
N LYS B 226 22.12 3.61 18.37
CA LYS B 226 23.24 3.98 19.28
C LYS B 226 23.53 2.79 20.17
N ARG B 227 22.56 2.20 20.80
CA ARG B 227 22.81 1.13 21.78
C ARG B 227 23.55 0.00 21.07
N TRP B 228 23.15 -0.40 19.89
CA TRP B 228 23.64 -1.65 19.28
C TRP B 228 24.73 -1.39 18.26
N VAL B 229 24.58 -0.49 17.33
CA VAL B 229 25.64 -0.22 16.35
C VAL B 229 26.86 0.31 17.08
N ASP B 230 26.67 1.18 18.06
CA ASP B 230 27.81 1.86 18.74
C ASP B 230 28.04 1.25 20.11
N ASN B 231 27.37 0.18 20.51
CA ASN B 231 27.51 -0.35 21.90
C ASN B 231 27.25 0.77 22.90
N ASP B 232 26.48 1.78 22.57
CA ASP B 232 26.38 3.02 23.40
C ASP B 232 25.32 2.88 24.49
N THR B 233 25.78 2.47 25.67
CA THR B 233 24.92 2.26 26.85
C THR B 233 24.45 3.59 27.43
N ARG B 234 24.92 4.72 26.98
CA ARG B 234 24.31 6.01 27.36
C ARG B 234 22.84 6.03 26.93
N TYR B 235 22.47 5.28 25.88
CA TYR B 235 21.12 5.38 25.31
C TYR B 235 20.19 4.32 25.91
N THR B 236 20.66 3.45 26.78
CA THR B 236 19.80 2.46 27.42
C THR B 236 18.71 3.17 28.21
N GLN B 237 19.04 4.29 28.82
CA GLN B 237 18.08 5.04 29.66
C GLN B 237 16.81 5.32 28.89
N PHE B 238 16.84 5.54 27.57
CA PHE B 238 15.63 5.92 26.80
C PHE B 238 14.83 4.69 26.39
N LEU B 239 15.50 3.56 26.35
CA LEU B 239 14.87 2.29 25.93
C LEU B 239 14.28 1.52 27.10
N CYS B 240 14.87 1.70 28.31
CA CYS B 240 14.56 0.92 29.54
C CYS B 240 14.27 1.91 30.66
N PRO B 241 13.03 2.00 31.18
CA PRO B 241 11.93 1.11 30.85
C PRO B 241 11.27 1.39 29.49
N GLY B 242 11.59 2.51 28.88
CA GLY B 242 11.04 2.82 27.56
C GLY B 242 9.82 3.71 27.66
N PRO B 243 9.11 3.91 26.56
CA PRO B 243 8.04 4.89 26.51
C PRO B 243 6.86 4.52 27.42
N SER B 244 6.31 5.60 27.99
CA SER B 244 5.01 5.52 28.67
C SER B 244 3.93 5.14 27.64
N THR B 245 2.85 4.50 28.12
CA THR B 245 1.69 4.08 27.31
C THR B 245 0.38 4.60 27.90
N GLY B 246 0.43 5.63 28.75
CA GLY B 246 -0.79 6.39 29.15
C GLY B 246 -1.55 6.98 27.98
N LEU B 247 -2.83 7.37 28.18
CA LEU B 247 -3.72 7.82 27.06
C LEU B 247 -3.21 9.08 26.36
N PHE B 248 -2.45 9.91 27.07
CA PHE B 248 -1.84 11.06 26.39
C PHE B 248 -0.53 10.75 25.65
N ALA B 249 0.02 9.58 25.92
CA ALA B 249 1.31 9.22 25.30
C ALA B 249 1.09 8.95 23.81
N PRO B 250 2.10 9.27 22.97
CA PRO B 250 2.07 8.91 21.54
C PRO B 250 2.34 7.40 21.30
N VAL B 251 2.61 6.64 22.35
CA VAL B 251 2.83 5.17 22.30
C VAL B 251 1.66 4.47 22.99
N SER B 252 1.05 3.53 22.34
CA SER B 252 -0.13 2.79 22.86
C SER B 252 0.23 1.42 23.43
N ALA B 253 1.40 0.89 23.14
CA ALA B 253 1.87 -0.39 23.70
C ALA B 253 3.37 -0.44 23.60
N SER B 254 3.99 -1.13 24.51
CA SER B 254 5.46 -1.17 24.64
C SER B 254 5.88 -2.43 25.34
N MET B 255 6.65 -3.27 24.70
CA MET B 255 7.22 -4.47 25.33
C MET B 255 8.67 -4.62 24.92
N ASN B 256 9.51 -5.21 25.77
CA ASN B 256 10.93 -5.30 25.45
C ASN B 256 11.60 -6.31 26.40
N THR B 257 12.84 -6.63 26.12
CA THR B 257 13.67 -7.54 26.96
C THR B 257 14.67 -6.73 27.78
N CYS B 258 14.32 -5.52 28.18
CA CYS B 258 15.17 -4.72 29.13
C CYS B 258 15.55 -5.57 30.32
N PRO B 259 16.79 -5.41 30.85
CA PRO B 259 17.78 -4.43 30.42
C PRO B 259 18.76 -4.86 29.32
N PHE B 260 18.37 -5.86 28.53
CA PHE B 260 19.15 -6.31 27.34
C PHE B 260 20.43 -6.97 27.87
C1 MLI C . -0.84 7.52 1.67
C2 MLI C . -2.08 7.09 0.89
C3 MLI C . -1.10 7.76 3.15
O6 MLI C . -2.14 7.37 -0.25
O7 MLI C . -2.98 6.52 1.48
O8 MLI C . -2.12 7.29 3.64
O9 MLI C . -0.26 8.42 3.81
C1 MLI D . -5.06 2.13 5.99
C2 MLI D . -3.70 2.29 6.64
C3 MLI D . -5.74 3.42 5.61
O6 MLI D . -3.03 3.25 6.36
O7 MLI D . -3.34 1.46 7.44
O8 MLI D . -6.98 3.41 5.47
O9 MLI D . -5.03 4.42 5.45
#